data_7OEW
#
_entry.id   7OEW
#
_cell.length_a   1.00
_cell.length_b   1.00
_cell.length_c   1.00
_cell.angle_alpha   90.00
_cell.angle_beta   90.00
_cell.angle_gamma   90.00
#
_symmetry.space_group_name_H-M   'P 1'
#
loop_
_entity.id
_entity.type
_entity.pdbx_description
1 polymer 'Capsid protein'
2 polymer MHRSLLGRMKGA
#
loop_
_entity_poly.entity_id
_entity_poly.type
_entity_poly.pdbx_seq_one_letter_code
_entity_poly.pdbx_strand_id
1 'polypeptide(L)'
;MDIDPYKEFGATVELLSFLPSDFFPSVRDLLDTASALYREALESPEHCSPHHTALRQAILCWGELMTLATWVGVNLEDPA
SRDLVVSYVNTNMGLKLRQLLWFHISCLTFGRETVIEYLVSFGVWIRTPPAYRPPNAPILSTLPETTVVRRRGRSPRRRT
PSPRRRRSQSPRRRRSQSRESQC
;
B,A,C,D
2 'polypeptide(L)' (UNK)(UNK)(UNK)(UNK)(UNK)(UNK)(UNK)(UNK)(UNK)(UNK)(UNK)(UNK)MHRSLLGRMKGA E,F
#
# COMPACT_ATOMS: atom_id res chain seq x y z
N MET A 1 -35.45 -0.50 -4.94
CA MET A 1 -35.98 -1.72 -5.62
C MET A 1 -36.04 -2.89 -4.65
N ASP A 2 -36.01 -2.59 -3.35
CA ASP A 2 -36.06 -3.60 -2.31
C ASP A 2 -34.90 -4.60 -2.47
N ILE A 3 -33.70 -4.06 -2.36
CA ILE A 3 -32.47 -4.85 -2.51
C ILE A 3 -31.81 -4.97 -1.15
N ASP A 4 -31.44 -6.19 -0.79
CA ASP A 4 -30.65 -6.46 0.40
C ASP A 4 -29.24 -6.83 -0.03
N PRO A 5 -28.22 -6.05 0.33
CA PRO A 5 -26.87 -6.36 -0.15
C PRO A 5 -26.28 -7.64 0.43
N TYR A 6 -26.95 -8.28 1.38
CA TYR A 6 -26.44 -9.49 2.02
C TYR A 6 -27.24 -10.73 1.66
N LYS A 7 -28.49 -10.58 1.25
CA LYS A 7 -29.30 -11.72 0.84
C LYS A 7 -28.56 -12.59 -0.16
N GLU A 8 -27.73 -11.97 -0.99
CA GLU A 8 -26.92 -12.72 -1.94
C GLU A 8 -25.82 -13.51 -1.24
N PHE A 9 -25.36 -13.05 -0.09
CA PHE A 9 -24.30 -13.70 0.66
C PHE A 9 -24.83 -14.52 1.82
N GLY A 10 -26.14 -14.72 1.90
CA GLY A 10 -26.73 -15.59 2.90
C GLY A 10 -27.12 -14.92 4.19
N ALA A 11 -27.15 -13.60 4.23
CA ALA A 11 -27.49 -12.86 5.45
C ALA A 11 -28.59 -11.86 5.11
N THR A 12 -28.84 -10.95 6.06
CA THR A 12 -29.87 -9.94 5.90
C THR A 12 -29.47 -8.73 6.73
N VAL A 13 -30.25 -7.66 6.60
CA VAL A 13 -30.04 -6.50 7.45
C VAL A 13 -30.64 -6.70 8.83
N GLU A 14 -31.63 -7.58 8.95
CA GLU A 14 -32.19 -7.89 10.26
C GLU A 14 -31.24 -8.74 11.09
N LEU A 15 -30.28 -9.39 10.45
CA LEU A 15 -29.28 -10.18 11.16
C LEU A 15 -28.11 -9.34 11.62
N LEU A 16 -27.74 -8.32 10.84
CA LEU A 16 -26.75 -7.35 11.26
C LEU A 16 -27.36 -6.15 11.98
N SER A 17 -28.69 -6.14 12.13
CA SER A 17 -29.36 -5.07 12.86
C SER A 17 -29.02 -5.10 14.33
N PHE A 18 -28.51 -6.21 14.84
CA PHE A 18 -28.25 -6.36 16.26
C PHE A 18 -26.86 -5.86 16.64
N LEU A 19 -25.87 -6.12 15.79
CA LEU A 19 -24.54 -5.60 16.02
C LEU A 19 -24.61 -4.10 16.32
N PRO A 20 -24.07 -3.64 17.45
CA PRO A 20 -24.11 -2.21 17.76
C PRO A 20 -23.13 -1.43 16.90
N SER A 21 -23.21 -0.11 17.04
CA SER A 21 -22.29 0.77 16.33
C SER A 21 -20.89 0.71 16.92
N ASP A 22 -20.78 0.44 18.23
CA ASP A 22 -19.49 0.31 18.90
C ASP A 22 -18.79 -0.99 18.55
N PHE A 23 -19.36 -1.79 17.66
CA PHE A 23 -18.76 -3.07 17.29
C PHE A 23 -17.86 -2.97 16.08
N PHE A 24 -18.12 -2.02 15.19
CA PHE A 24 -17.46 -1.94 13.91
C PHE A 24 -16.28 -0.99 13.97
N PRO A 25 -15.11 -1.37 13.46
CA PRO A 25 -13.99 -0.45 13.44
C PRO A 25 -14.29 0.76 12.57
N SER A 26 -13.46 1.78 12.72
CA SER A 26 -13.62 2.98 11.91
C SER A 26 -13.44 2.64 10.44
N VAL A 27 -13.99 3.52 9.60
CA VAL A 27 -13.92 3.29 8.16
C VAL A 27 -12.47 3.28 7.70
N ARG A 28 -11.65 4.17 8.27
CA ARG A 28 -10.25 4.20 7.90
C ARG A 28 -9.55 2.92 8.33
N ASP A 29 -9.87 2.42 9.52
CA ASP A 29 -9.31 1.16 9.97
C ASP A 29 -9.66 0.02 9.02
N LEU A 30 -10.92 -0.04 8.60
CA LEU A 30 -11.34 -1.13 7.71
C LEU A 30 -10.70 -1.00 6.33
N LEU A 31 -10.59 0.23 5.82
CA LEU A 31 -9.96 0.44 4.53
C LEU A 31 -8.48 0.08 4.58
N ASP A 32 -7.81 0.39 5.68
CA ASP A 32 -6.42 -0.02 5.83
C ASP A 32 -6.30 -1.53 5.91
N THR A 33 -7.20 -2.17 6.66
CA THR A 33 -7.22 -3.62 6.72
C THR A 33 -7.34 -4.22 5.33
N ALA A 34 -8.24 -3.68 4.51
CA ALA A 34 -8.40 -4.17 3.16
C ALA A 34 -7.15 -3.91 2.33
N SER A 35 -6.63 -2.70 2.37
CA SER A 35 -5.42 -2.37 1.61
C SER A 35 -4.29 -3.32 1.93
N ALA A 36 -4.20 -3.75 3.19
CA ALA A 36 -3.10 -4.62 3.60
C ALA A 36 -3.34 -6.08 3.29
N LEU A 37 -4.59 -6.54 3.36
CA LEU A 37 -4.86 -7.96 3.24
C LEU A 37 -5.24 -8.39 1.83
N TYR A 38 -5.93 -7.54 1.06
CA TYR A 38 -6.46 -7.95 -0.23
C TYR A 38 -6.28 -6.89 -1.31
N ARG A 39 -5.32 -5.98 -1.16
CA ARG A 39 -5.13 -4.95 -2.17
C ARG A 39 -4.75 -5.54 -3.51
N GLU A 40 -3.87 -6.55 -3.50
CA GLU A 40 -3.43 -7.17 -4.74
C GLU A 40 -4.60 -7.74 -5.52
N ALA A 41 -5.61 -8.25 -4.82
CA ALA A 41 -6.75 -8.88 -5.45
C ALA A 41 -7.86 -7.90 -5.78
N LEU A 42 -7.97 -6.81 -5.02
CA LEU A 42 -8.97 -5.80 -5.31
C LEU A 42 -8.55 -4.92 -6.48
N GLU A 43 -7.25 -4.67 -6.63
CA GLU A 43 -6.72 -3.97 -7.78
C GLU A 43 -6.42 -4.90 -8.95
N SER A 44 -6.97 -6.09 -8.93
CA SER A 44 -6.71 -7.10 -9.93
C SER A 44 -7.76 -7.05 -11.04
N PRO A 45 -7.43 -7.55 -12.23
CA PRO A 45 -8.42 -7.57 -13.31
C PRO A 45 -9.30 -8.80 -13.32
N GLU A 46 -9.32 -9.54 -12.21
CA GLU A 46 -10.02 -10.80 -12.12
C GLU A 46 -11.25 -10.69 -11.22
N HIS A 47 -12.24 -11.51 -11.51
CA HIS A 47 -13.34 -11.77 -10.56
C HIS A 47 -12.82 -12.79 -9.57
N CYS A 48 -12.38 -12.31 -8.41
CA CYS A 48 -11.88 -13.24 -7.40
C CYS A 48 -13.03 -13.80 -6.58
N SER A 49 -14.02 -12.98 -6.28
CA SER A 49 -15.18 -13.42 -5.55
C SER A 49 -16.21 -12.30 -5.46
N PRO A 50 -17.47 -12.64 -5.20
CA PRO A 50 -18.48 -11.60 -4.99
C PRO A 50 -18.14 -10.69 -3.84
N HIS A 51 -17.44 -11.21 -2.83
CA HIS A 51 -16.99 -10.36 -1.73
C HIS A 51 -16.02 -9.31 -2.23
N HIS A 52 -15.07 -9.69 -3.08
CA HIS A 52 -14.17 -8.73 -3.67
C HIS A 52 -14.92 -7.69 -4.48
N THR A 53 -15.85 -8.15 -5.32
CA THR A 53 -16.65 -7.24 -6.14
C THR A 53 -17.35 -6.19 -5.28
N ALA A 54 -18.09 -6.65 -4.28
CA ALA A 54 -18.86 -5.75 -3.44
C ALA A 54 -17.95 -4.84 -2.62
N LEU A 55 -16.78 -5.34 -2.22
CA LEU A 55 -15.83 -4.51 -1.51
C LEU A 55 -15.33 -3.37 -2.38
N ARG A 56 -15.00 -3.66 -3.62
CA ARG A 56 -14.62 -2.62 -4.57
C ARG A 56 -15.72 -1.57 -4.69
N GLN A 57 -16.96 -2.03 -4.92
CA GLN A 57 -18.06 -1.10 -5.08
C GLN A 57 -18.26 -0.25 -3.84
N ALA A 58 -18.11 -0.85 -2.66
CA ALA A 58 -18.31 -0.12 -1.42
C ALA A 58 -17.23 0.94 -1.22
N ILE A 59 -15.99 0.60 -1.57
CA ILE A 59 -14.91 1.58 -1.47
C ILE A 59 -15.16 2.76 -2.40
N LEU A 60 -15.61 2.47 -3.63
CA LEU A 60 -15.93 3.56 -4.55
C LEU A 60 -17.05 4.43 -3.98
N CYS A 61 -18.09 3.79 -3.45
CA CYS A 61 -19.20 4.54 -2.86
C CYS A 61 -18.73 5.44 -1.74
N TRP A 62 -17.86 4.92 -0.87
CA TRP A 62 -17.37 5.73 0.25
C TRP A 62 -16.54 6.89 -0.26
N GLY A 63 -15.74 6.67 -1.30
CA GLY A 63 -14.99 7.76 -1.88
C GLY A 63 -15.90 8.87 -2.39
N GLU A 64 -16.96 8.50 -3.09
CA GLU A 64 -17.91 9.49 -3.59
C GLU A 64 -18.56 10.25 -2.44
N LEU A 65 -19.02 9.52 -1.42
CA LEU A 65 -19.64 10.16 -0.27
C LEU A 65 -18.68 11.12 0.41
N MET A 66 -17.42 10.72 0.57
CA MET A 66 -16.42 11.58 1.18
C MET A 66 -16.24 12.85 0.38
N THR A 67 -16.07 12.73 -0.94
CA THR A 67 -15.92 13.92 -1.75
C THR A 67 -17.11 14.86 -1.58
N LEU A 68 -18.32 14.31 -1.64
CA LEU A 68 -19.51 15.14 -1.51
C LEU A 68 -19.52 15.85 -0.15
N ALA A 69 -19.32 15.09 0.92
CA ALA A 69 -19.42 15.67 2.25
C ALA A 69 -18.34 16.71 2.50
N THR A 70 -17.13 16.47 1.98
CA THR A 70 -16.07 17.45 2.16
C THR A 70 -16.37 18.73 1.39
N TRP A 71 -16.80 18.60 0.14
CA TRP A 71 -17.18 19.78 -0.62
C TRP A 71 -18.28 20.56 0.09
N VAL A 72 -19.26 19.84 0.65
CA VAL A 72 -20.35 20.51 1.37
C VAL A 72 -19.81 21.26 2.58
N GLY A 73 -19.09 20.55 3.46
CA GLY A 73 -18.53 21.20 4.63
C GLY A 73 -17.68 22.41 4.28
N VAL A 74 -16.96 22.34 3.16
CA VAL A 74 -16.12 23.45 2.75
C VAL A 74 -16.97 24.63 2.31
N ASN A 75 -17.99 24.37 1.49
CA ASN A 75 -18.77 25.48 0.89
C ASN A 75 -19.94 25.87 1.79
N LEU A 76 -20.02 25.33 2.99
CA LEU A 76 -21.18 25.59 3.90
C LEU A 76 -21.27 27.08 4.30
N GLU A 77 -20.12 27.74 4.52
CA GLU A 77 -20.08 29.19 4.91
C GLU A 77 -20.28 29.39 6.43
N ASP A 78 -20.39 28.31 7.20
CA ASP A 78 -20.49 28.41 8.69
C ASP A 78 -19.73 27.19 9.26
N PRO A 79 -18.54 27.29 9.92
CA PRO A 79 -17.90 26.10 10.49
C PRO A 79 -18.67 25.43 11.62
N ALA A 80 -19.90 25.88 11.90
CA ALA A 80 -20.69 25.28 12.96
C ALA A 80 -21.62 24.19 12.47
N SER A 81 -22.02 24.23 11.20
CA SER A 81 -22.96 23.24 10.67
C SER A 81 -22.26 22.04 10.07
N ARG A 82 -20.98 22.18 9.73
CA ARG A 82 -20.21 21.03 9.27
C ARG A 82 -20.19 19.93 10.31
N ASP A 83 -20.20 20.30 11.59
CA ASP A 83 -20.30 19.32 12.66
C ASP A 83 -21.54 18.46 12.49
N LEU A 84 -22.70 19.09 12.33
CA LEU A 84 -23.94 18.33 12.19
C LEU A 84 -23.95 17.52 10.89
N VAL A 85 -23.34 18.07 9.84
CA VAL A 85 -23.24 17.34 8.58
C VAL A 85 -22.48 16.03 8.78
N VAL A 86 -21.25 16.12 9.30
CA VAL A 86 -20.45 14.91 9.48
C VAL A 86 -21.10 14.01 10.52
N SER A 87 -21.84 14.57 11.48
CA SER A 87 -22.58 13.73 12.41
C SER A 87 -23.58 12.86 11.67
N TYR A 88 -24.40 13.47 10.82
CA TYR A 88 -25.36 12.70 10.04
C TYR A 88 -24.65 11.64 9.21
N VAL A 89 -23.56 12.04 8.54
CA VAL A 89 -22.84 11.09 7.68
C VAL A 89 -22.36 9.91 8.50
N ASN A 90 -21.49 10.17 9.49
CA ASN A 90 -20.95 9.11 10.32
C ASN A 90 -22.01 8.34 11.09
N THR A 91 -23.24 8.85 11.15
CA THR A 91 -24.30 8.15 11.86
C THR A 91 -25.09 7.22 10.96
N ASN A 92 -25.25 7.56 9.68
CA ASN A 92 -26.02 6.73 8.75
C ASN A 92 -25.14 6.06 7.72
N MET A 93 -24.41 6.84 6.92
CA MET A 93 -23.68 6.27 5.80
C MET A 93 -22.38 5.64 6.25
N GLY A 94 -21.67 6.31 7.15
CA GLY A 94 -20.49 5.68 7.73
C GLY A 94 -20.83 4.36 8.39
N LEU A 95 -21.99 4.29 9.05
CA LEU A 95 -22.37 3.07 9.72
C LEU A 95 -22.71 1.96 8.74
N LYS A 96 -23.49 2.29 7.70
CA LYS A 96 -23.79 1.29 6.68
C LYS A 96 -22.50 0.79 6.02
N LEU A 97 -21.57 1.71 5.72
CA LEU A 97 -20.34 1.32 5.06
C LEU A 97 -19.47 0.46 5.97
N ARG A 98 -19.39 0.80 7.25
CA ARG A 98 -18.65 -0.02 8.20
C ARG A 98 -19.26 -1.42 8.29
N GLN A 99 -20.58 -1.48 8.42
CA GLN A 99 -21.28 -2.76 8.42
C GLN A 99 -20.88 -3.60 7.22
N LEU A 100 -20.99 -3.02 6.02
CA LEU A 100 -20.75 -3.77 4.79
C LEU A 100 -19.29 -4.19 4.67
N LEU A 101 -18.37 -3.26 4.87
CA LEU A 101 -16.95 -3.56 4.79
C LEU A 101 -16.56 -4.63 5.79
N TRP A 102 -17.05 -4.53 7.02
CA TRP A 102 -16.77 -5.56 8.01
C TRP A 102 -17.29 -6.90 7.55
N PHE A 103 -18.54 -6.94 7.08
CA PHE A 103 -19.12 -8.20 6.64
C PHE A 103 -18.24 -8.86 5.60
N HIS A 104 -17.78 -8.09 4.61
CA HIS A 104 -17.03 -8.69 3.52
C HIS A 104 -15.60 -9.06 3.93
N ILE A 105 -14.90 -8.15 4.60
CA ILE A 105 -13.56 -8.46 5.08
C ILE A 105 -13.58 -9.69 5.97
N SER A 106 -14.63 -9.84 6.77
CA SER A 106 -14.74 -10.99 7.66
C SER A 106 -15.08 -12.26 6.89
N CYS A 107 -16.01 -12.17 5.94
CA CYS A 107 -16.33 -13.34 5.14
C CYS A 107 -15.17 -13.75 4.25
N LEU A 108 -14.18 -12.89 4.10
CA LEU A 108 -12.95 -13.24 3.40
C LEU A 108 -11.92 -13.85 4.35
N THR A 109 -11.67 -13.20 5.48
CA THR A 109 -10.75 -13.75 6.48
C THR A 109 -11.23 -15.11 6.97
N PHE A 110 -12.38 -15.13 7.63
CA PHE A 110 -13.03 -16.35 8.05
C PHE A 110 -13.95 -16.81 6.91
N GLY A 111 -14.85 -17.73 7.17
CA GLY A 111 -15.80 -18.12 6.16
C GLY A 111 -17.11 -17.37 6.26
N ARG A 112 -17.85 -17.38 5.15
CA ARG A 112 -19.21 -16.83 5.17
C ARG A 112 -20.07 -17.53 6.21
N GLU A 113 -19.96 -18.86 6.27
CA GLU A 113 -20.75 -19.61 7.25
C GLU A 113 -20.32 -19.29 8.66
N THR A 114 -19.01 -19.16 8.88
CA THR A 114 -18.49 -18.77 10.19
C THR A 114 -19.06 -17.43 10.61
N VAL A 115 -19.07 -16.46 9.70
CA VAL A 115 -19.56 -15.13 10.03
C VAL A 115 -21.05 -15.17 10.33
N ILE A 116 -21.80 -15.99 9.59
CA ILE A 116 -23.23 -16.06 9.81
C ILE A 116 -23.54 -16.71 11.16
N GLU A 117 -22.80 -17.77 11.51
CA GLU A 117 -22.95 -18.36 12.83
C GLU A 117 -22.59 -17.37 13.94
N TYR A 118 -21.51 -16.61 13.73
CA TYR A 118 -21.15 -15.58 14.70
C TYR A 118 -22.28 -14.58 14.85
N LEU A 119 -22.93 -14.22 13.75
CA LEU A 119 -24.02 -13.26 13.82
C LEU A 119 -25.20 -13.82 14.59
N VAL A 120 -25.54 -15.08 14.34
CA VAL A 120 -26.63 -15.71 15.08
C VAL A 120 -26.34 -15.71 16.58
N SER A 121 -25.14 -16.17 16.95
CA SER A 121 -24.80 -16.25 18.36
C SER A 121 -24.73 -14.87 19.00
N PHE A 122 -24.17 -13.89 18.29
CA PHE A 122 -24.10 -12.54 18.82
C PHE A 122 -25.48 -11.94 18.97
N GLY A 123 -26.43 -12.31 18.12
CA GLY A 123 -27.79 -11.85 18.30
C GLY A 123 -28.42 -12.47 19.52
N VAL A 124 -28.21 -13.77 19.71
CA VAL A 124 -28.67 -14.42 20.94
C VAL A 124 -28.13 -13.69 22.16
N TRP A 125 -26.86 -13.28 22.09
CA TRP A 125 -26.20 -12.66 23.23
C TRP A 125 -26.71 -11.24 23.47
N ILE A 126 -26.86 -10.45 22.40
CA ILE A 126 -27.19 -9.05 22.55
C ILE A 126 -28.68 -8.86 22.80
N ARG A 127 -29.51 -9.83 22.40
CA ARG A 127 -30.91 -9.82 22.78
C ARG A 127 -31.11 -10.18 24.24
N THR A 128 -30.16 -10.89 24.82
CA THR A 128 -30.28 -11.30 26.21
C THR A 128 -29.98 -10.12 27.13
N PRO A 129 -30.74 -9.95 28.21
CA PRO A 129 -30.43 -8.87 29.14
C PRO A 129 -29.08 -9.09 29.82
N PRO A 130 -28.43 -8.02 30.27
CA PRO A 130 -27.10 -8.18 30.88
C PRO A 130 -27.12 -8.99 32.15
N ALA A 131 -28.20 -8.93 32.92
CA ALA A 131 -28.29 -9.67 34.16
C ALA A 131 -28.33 -11.17 33.94
N TYR A 132 -28.56 -11.61 32.70
CA TYR A 132 -28.70 -13.02 32.41
C TYR A 132 -27.77 -13.52 31.32
N ARG A 133 -27.03 -12.64 30.68
CA ARG A 133 -26.04 -13.08 29.72
C ARG A 133 -24.64 -13.01 30.31
N PRO A 134 -23.70 -13.77 29.75
CA PRO A 134 -22.31 -13.59 30.13
C PRO A 134 -21.85 -12.19 29.78
N PRO A 135 -20.84 -11.68 30.49
CA PRO A 135 -20.44 -10.28 30.29
C PRO A 135 -19.54 -10.06 29.09
N ASN A 136 -18.90 -11.10 28.58
CA ASN A 136 -17.96 -10.98 27.48
C ASN A 136 -18.62 -11.52 26.21
N ALA A 137 -18.77 -10.64 25.22
CA ALA A 137 -19.41 -11.01 23.98
C ALA A 137 -18.65 -12.15 23.30
N PRO A 138 -19.29 -12.85 22.38
CA PRO A 138 -18.56 -13.79 21.55
C PRO A 138 -17.58 -13.06 20.65
N ILE A 139 -16.57 -13.80 20.19
CA ILE A 139 -15.42 -13.22 19.53
C ILE A 139 -15.13 -13.97 18.24
N LEU A 140 -14.83 -13.22 17.20
CA LEU A 140 -14.40 -13.74 15.91
C LEU A 140 -12.96 -13.31 15.71
N SER A 141 -12.04 -14.28 15.73
CA SER A 141 -10.62 -13.94 15.74
C SER A 141 -9.82 -15.05 15.06
N THR A 142 -8.69 -14.66 14.49
CA THR A 142 -7.71 -15.57 13.93
C THR A 142 -6.71 -16.05 14.97
N LEU A 143 -7.05 -15.93 16.24
CA LEU A 143 -6.13 -16.16 17.35
C LEU A 143 -6.85 -16.88 18.46
N PRO A 144 -6.13 -17.62 19.30
CA PRO A 144 -6.73 -18.11 20.55
C PRO A 144 -6.87 -16.95 21.53
N GLU A 145 -7.73 -17.18 22.53
CA GLU A 145 -7.99 -16.15 23.52
C GLU A 145 -6.73 -15.75 24.27
N THR A 146 -5.69 -16.58 24.25
CA THR A 146 -4.43 -16.23 24.90
C THR A 146 -3.58 -15.31 24.01
N THR A 147 -3.75 -15.40 22.70
CA THR A 147 -3.05 -14.52 21.75
C THR A 147 -1.53 -14.64 21.91
N VAL A 148 -1.03 -15.83 21.60
CA VAL A 148 0.40 -16.10 21.52
C VAL A 148 0.65 -16.94 20.27
N VAL A 149 1.52 -16.45 19.40
CA VAL A 149 1.79 -17.09 18.11
C VAL A 149 3.11 -17.82 18.20
N ARG A 150 3.17 -19.00 17.58
CA ARG A 150 4.39 -19.80 17.58
C ARG A 150 4.76 -20.24 16.17
N MET B 1 -6.00 2.48 -2.11
CA MET B 1 -6.16 1.64 -3.33
C MET B 1 -6.53 2.48 -4.54
N ASP B 2 -6.29 1.94 -5.73
CA ASP B 2 -6.61 2.63 -6.97
C ASP B 2 -7.62 1.82 -7.76
N ILE B 3 -8.66 1.34 -7.08
CA ILE B 3 -9.58 0.39 -7.68
C ILE B 3 -10.26 0.99 -8.89
N ASP B 4 -10.31 0.21 -9.97
CA ASP B 4 -11.06 0.55 -11.16
C ASP B 4 -12.29 -0.34 -11.24
N PRO B 5 -13.51 0.21 -11.17
CA PRO B 5 -14.69 -0.66 -11.10
C PRO B 5 -14.99 -1.45 -12.36
N TYR B 6 -14.23 -1.23 -13.44
CA TYR B 6 -14.46 -1.91 -14.71
C TYR B 6 -13.35 -2.87 -15.09
N LYS B 7 -12.23 -2.83 -14.37
CA LYS B 7 -11.08 -3.66 -14.73
C LYS B 7 -11.41 -5.14 -14.63
N GLU B 8 -12.19 -5.53 -13.62
CA GLU B 8 -12.63 -6.91 -13.53
C GLU B 8 -13.65 -7.27 -14.59
N PHE B 9 -14.26 -6.28 -15.23
CA PHE B 9 -15.21 -6.50 -16.31
C PHE B 9 -14.59 -6.23 -17.67
N GLY B 10 -13.29 -6.05 -17.72
CA GLY B 10 -12.57 -5.98 -18.97
C GLY B 10 -12.45 -4.60 -19.57
N ALA B 11 -12.85 -3.56 -18.85
CA ALA B 11 -12.80 -2.20 -19.33
C ALA B 11 -11.96 -1.36 -18.37
N THR B 12 -11.97 -0.06 -18.61
CA THR B 12 -11.23 0.89 -17.80
C THR B 12 -11.97 2.22 -17.81
N VAL B 13 -11.52 3.14 -16.96
CA VAL B 13 -12.08 4.49 -16.97
C VAL B 13 -11.63 5.29 -18.17
N GLU B 14 -10.61 4.81 -18.89
CA GLU B 14 -10.16 5.46 -20.11
C GLU B 14 -10.96 5.00 -21.32
N LEU B 15 -11.52 3.80 -21.26
CA LEU B 15 -12.34 3.29 -22.34
C LEU B 15 -13.76 3.85 -22.29
N LEU B 16 -14.26 4.17 -21.10
CA LEU B 16 -15.55 4.82 -20.96
C LEU B 16 -15.46 6.33 -21.02
N SER B 17 -14.25 6.90 -20.98
CA SER B 17 -14.08 8.32 -21.21
C SER B 17 -14.26 8.69 -22.67
N PHE B 18 -14.24 7.71 -23.57
CA PHE B 18 -14.59 7.96 -24.96
C PHE B 18 -16.00 8.51 -25.06
N LEU B 19 -16.96 7.84 -24.44
CA LEU B 19 -18.31 8.35 -24.40
C LEU B 19 -18.33 9.67 -23.62
N PRO B 20 -19.07 10.67 -24.08
CA PRO B 20 -19.13 11.91 -23.31
C PRO B 20 -19.97 11.77 -22.05
N SER B 21 -20.17 12.88 -21.34
CA SER B 21 -20.99 12.89 -20.15
C SER B 21 -22.45 13.11 -20.44
N ASP B 22 -22.76 13.78 -21.55
CA ASP B 22 -24.14 14.00 -21.97
C ASP B 22 -24.72 12.82 -22.73
N PHE B 23 -24.00 11.70 -22.77
CA PHE B 23 -24.46 10.52 -23.48
C PHE B 23 -25.24 9.58 -22.59
N PHE B 24 -24.91 9.51 -21.33
CA PHE B 24 -25.50 8.53 -20.45
C PHE B 24 -26.92 8.95 -20.07
N PRO B 25 -27.87 8.02 -20.06
CA PRO B 25 -29.24 8.39 -19.70
C PRO B 25 -29.36 8.85 -18.27
N SER B 26 -30.55 9.28 -17.89
CA SER B 26 -30.80 9.68 -16.52
C SER B 26 -30.89 8.46 -15.62
N VAL B 27 -30.60 8.66 -14.35
CA VAL B 27 -30.64 7.56 -13.40
C VAL B 27 -32.05 7.02 -13.28
N ARG B 28 -33.05 7.88 -13.45
CA ARG B 28 -34.43 7.41 -13.44
C ARG B 28 -34.66 6.41 -14.56
N ASP B 29 -34.26 6.77 -15.79
CA ASP B 29 -34.40 5.87 -16.92
C ASP B 29 -33.65 4.56 -16.68
N LEU B 30 -32.42 4.66 -16.18
CA LEU B 30 -31.62 3.46 -15.98
C LEU B 30 -32.23 2.55 -14.92
N LEU B 31 -32.74 3.13 -13.83
CA LEU B 31 -33.36 2.33 -12.78
C LEU B 31 -34.65 1.71 -13.26
N ASP B 32 -35.43 2.44 -14.08
CA ASP B 32 -36.63 1.84 -14.65
C ASP B 32 -36.29 0.64 -15.52
N THR B 33 -35.28 0.80 -16.38
CA THR B 33 -34.84 -0.31 -17.22
C THR B 33 -34.39 -1.49 -16.36
N ALA B 34 -33.60 -1.20 -15.32
CA ALA B 34 -33.09 -2.25 -14.45
C ALA B 34 -34.23 -2.99 -13.78
N SER B 35 -35.20 -2.25 -13.25
CA SER B 35 -36.35 -2.89 -12.66
C SER B 35 -37.00 -3.80 -13.68
N ALA B 36 -37.54 -3.20 -14.75
CA ALA B 36 -38.28 -3.92 -15.76
C ALA B 36 -37.58 -5.19 -16.24
N LEU B 37 -36.25 -5.15 -16.34
CA LEU B 37 -35.54 -6.26 -16.94
C LEU B 37 -34.99 -7.26 -15.95
N TYR B 38 -34.61 -6.85 -14.74
CA TYR B 38 -33.86 -7.71 -13.84
C TYR B 38 -34.26 -7.52 -12.38
N ARG B 39 -35.50 -7.13 -12.11
CA ARG B 39 -35.91 -6.92 -10.72
C ARG B 39 -35.90 -8.24 -9.95
N GLU B 40 -36.50 -9.28 -10.52
CA GLU B 40 -36.59 -10.56 -9.83
C GLU B 40 -35.23 -11.21 -9.62
N ALA B 41 -34.21 -10.76 -10.36
CA ALA B 41 -32.86 -11.28 -10.22
C ALA B 41 -31.99 -10.44 -9.30
N LEU B 42 -32.25 -9.14 -9.22
CA LEU B 42 -31.54 -8.30 -8.27
C LEU B 42 -32.09 -8.48 -6.86
N GLU B 43 -33.38 -8.75 -6.73
CA GLU B 43 -33.99 -9.07 -5.44
C GLU B 43 -33.82 -10.53 -5.07
N SER B 44 -32.98 -11.26 -5.78
CA SER B 44 -32.83 -12.69 -5.59
C SER B 44 -31.67 -13.01 -4.66
N PRO B 45 -31.71 -14.15 -3.98
CA PRO B 45 -30.58 -14.59 -3.15
C PRO B 45 -29.58 -15.44 -3.93
N GLU B 46 -28.93 -14.83 -4.93
CA GLU B 46 -28.06 -15.58 -5.81
C GLU B 46 -26.99 -14.65 -6.38
N HIS B 47 -25.77 -15.17 -6.48
CA HIS B 47 -24.71 -14.52 -7.24
C HIS B 47 -24.91 -14.79 -8.72
N CYS B 48 -26.07 -14.34 -9.23
CA CYS B 48 -26.40 -14.63 -10.61
C CYS B 48 -25.30 -14.19 -11.55
N SER B 49 -24.62 -13.10 -11.21
CA SER B 49 -23.44 -12.66 -11.94
C SER B 49 -22.79 -11.47 -11.24
N PRO B 50 -21.49 -11.26 -11.47
CA PRO B 50 -20.85 -10.06 -10.92
C PRO B 50 -21.50 -8.78 -11.36
N HIS B 51 -22.08 -8.77 -12.56
CA HIS B 51 -22.83 -7.62 -13.00
C HIS B 51 -24.02 -7.37 -12.09
N HIS B 52 -24.71 -8.43 -11.69
CA HIS B 52 -25.82 -8.29 -10.76
C HIS B 52 -25.34 -7.76 -9.41
N THR B 53 -24.25 -8.33 -8.90
CA THR B 53 -23.69 -7.86 -7.64
C THR B 53 -23.40 -6.36 -7.69
N ALA B 54 -22.63 -5.95 -8.69
CA ALA B 54 -22.22 -4.56 -8.79
C ALA B 54 -23.41 -3.64 -9.03
N LEU B 55 -24.42 -4.12 -9.77
CA LEU B 55 -25.61 -3.32 -9.99
C LEU B 55 -26.38 -3.10 -8.71
N ARG B 56 -26.52 -4.14 -7.89
CA ARG B 56 -27.16 -3.99 -6.59
C ARG B 56 -26.42 -2.95 -5.76
N GLN B 57 -25.10 -3.09 -5.68
CA GLN B 57 -24.31 -2.15 -4.87
C GLN B 57 -24.45 -0.72 -5.39
N ALA B 58 -24.49 -0.55 -6.70
CA ALA B 58 -24.60 0.78 -7.28
C ALA B 58 -25.96 1.39 -7.00
N ILE B 59 -27.03 0.58 -7.08
CA ILE B 59 -28.36 1.09 -6.77
C ILE B 59 -28.42 1.54 -5.32
N LEU B 60 -27.84 0.75 -4.41
CA LEU B 60 -27.81 1.15 -3.02
C LEU B 60 -27.02 2.43 -2.81
N CYS B 61 -25.87 2.55 -3.48
CA CYS B 61 -25.07 3.76 -3.36
C CYS B 61 -25.84 4.98 -3.85
N TRP B 62 -26.58 4.83 -4.94
CA TRP B 62 -27.35 5.96 -5.45
C TRP B 62 -28.44 6.35 -4.48
N GLY B 63 -29.16 5.37 -3.94
CA GLY B 63 -30.15 5.67 -2.93
C GLY B 63 -29.55 6.41 -1.75
N GLU B 64 -28.34 6.01 -1.35
CA GLU B 64 -27.69 6.64 -0.20
C GLU B 64 -27.30 8.08 -0.52
N LEU B 65 -26.71 8.30 -1.69
CA LEU B 65 -26.35 9.66 -2.09
C LEU B 65 -27.57 10.55 -2.17
N MET B 66 -28.68 10.03 -2.71
CA MET B 66 -29.90 10.82 -2.79
C MET B 66 -30.44 11.15 -1.41
N THR B 67 -30.44 10.18 -0.50
CA THR B 67 -30.85 10.47 0.87
C THR B 67 -30.01 11.60 1.44
N LEU B 68 -28.69 11.51 1.28
CA LEU B 68 -27.80 12.53 1.83
C LEU B 68 -28.10 13.90 1.24
N ALA B 69 -28.18 13.98 -0.09
CA ALA B 69 -28.38 15.26 -0.75
C ALA B 69 -29.74 15.85 -0.42
N THR B 70 -30.75 15.00 -0.28
CA THR B 70 -32.07 15.46 0.14
C THR B 70 -32.02 16.06 1.54
N TRP B 71 -31.42 15.33 2.48
CA TRP B 71 -31.28 15.85 3.84
C TRP B 71 -30.53 17.17 3.85
N VAL B 72 -29.50 17.29 3.02
CA VAL B 72 -28.71 18.51 2.97
C VAL B 72 -29.53 19.67 2.41
N GLY B 73 -30.22 19.44 1.30
CA GLY B 73 -31.05 20.48 0.73
C GLY B 73 -32.15 20.92 1.68
N VAL B 74 -32.69 19.98 2.45
CA VAL B 74 -33.71 20.32 3.44
C VAL B 74 -33.11 21.24 4.50
N ASN B 75 -32.05 20.78 5.17
CA ASN B 75 -31.46 21.59 6.23
C ASN B 75 -30.80 22.86 5.72
N LEU B 76 -30.59 22.94 4.40
CA LEU B 76 -30.06 24.21 3.82
C LEU B 76 -31.26 25.17 3.68
N GLU B 77 -31.02 26.48 3.61
CA GLU B 77 -32.09 27.47 3.52
C GLU B 77 -32.23 28.06 2.13
N ASP B 78 -31.10 28.52 1.56
CA ASP B 78 -31.14 29.25 0.27
C ASP B 78 -31.48 28.32 -0.92
N PRO B 79 -32.50 28.59 -1.77
CA PRO B 79 -32.76 27.76 -2.95
C PRO B 79 -31.61 27.79 -3.94
N ALA B 80 -30.92 28.92 -4.07
CA ALA B 80 -29.74 28.97 -4.92
C ALA B 80 -28.70 27.97 -4.45
N SER B 81 -28.42 28.00 -3.16
CA SER B 81 -27.48 27.01 -2.58
C SER B 81 -27.97 25.61 -2.96
N ARG B 82 -29.22 25.28 -2.61
CA ARG B 82 -29.74 23.93 -2.80
C ARG B 82 -29.55 23.49 -4.25
N ASP B 83 -29.85 24.38 -5.20
CA ASP B 83 -29.70 24.04 -6.61
C ASP B 83 -28.23 23.84 -6.96
N LEU B 84 -27.34 24.65 -6.39
CA LEU B 84 -25.91 24.45 -6.62
C LEU B 84 -25.46 23.09 -6.10
N VAL B 85 -25.97 22.71 -4.93
CA VAL B 85 -25.63 21.40 -4.35
C VAL B 85 -26.07 20.28 -5.28
N VAL B 86 -27.35 20.28 -5.66
CA VAL B 86 -27.85 19.18 -6.48
C VAL B 86 -27.20 19.20 -7.86
N SER B 87 -26.77 20.37 -8.34
CA SER B 87 -26.06 20.42 -9.61
C SER B 87 -24.69 19.78 -9.49
N TYR B 88 -23.97 20.07 -8.41
CA TYR B 88 -22.70 19.40 -8.16
C TYR B 88 -22.89 17.90 -8.10
N VAL B 89 -23.93 17.45 -7.40
CA VAL B 89 -24.24 16.03 -7.32
C VAL B 89 -24.43 15.46 -8.72
N ASN B 90 -25.41 16.00 -9.45
CA ASN B 90 -25.71 15.53 -10.79
C ASN B 90 -24.51 15.58 -11.71
N THR B 91 -23.53 16.45 -11.42
CA THR B 91 -22.40 16.61 -12.32
C THR B 91 -21.27 15.63 -12.02
N ASN B 92 -21.10 15.24 -10.76
CA ASN B 92 -20.03 14.31 -10.41
C ASN B 92 -20.53 12.94 -9.99
N MET B 93 -21.35 12.89 -8.93
CA MET B 93 -21.70 11.60 -8.37
C MET B 93 -22.77 10.92 -9.20
N GLY B 94 -23.79 11.68 -9.62
CA GLY B 94 -24.78 11.12 -10.52
C GLY B 94 -24.17 10.66 -11.83
N LEU B 95 -23.20 11.42 -12.33
CA LEU B 95 -22.53 11.04 -13.57
C LEU B 95 -21.81 9.72 -13.41
N LYS B 96 -20.99 9.58 -12.36
CA LYS B 96 -20.28 8.34 -12.15
C LYS B 96 -21.23 7.18 -11.94
N LEU B 97 -22.28 7.39 -11.15
CA LEU B 97 -23.24 6.33 -10.89
C LEU B 97 -23.94 5.89 -12.16
N ARG B 98 -24.29 6.83 -13.04
CA ARG B 98 -24.99 6.41 -14.24
C ARG B 98 -24.05 5.82 -15.28
N GLN B 99 -22.77 6.22 -15.27
CA GLN B 99 -21.77 5.46 -16.01
C GLN B 99 -21.79 4.00 -15.58
N LEU B 100 -21.73 3.75 -14.28
CA LEU B 100 -21.67 2.39 -13.78
C LEU B 100 -22.95 1.62 -14.11
N LEU B 101 -24.10 2.26 -13.89
CA LEU B 101 -25.37 1.60 -14.17
C LEU B 101 -25.51 1.29 -15.64
N TRP B 102 -25.18 2.24 -16.50
CA TRP B 102 -25.19 1.99 -17.93
C TRP B 102 -24.31 0.81 -18.29
N PHE B 103 -23.06 0.82 -17.82
CA PHE B 103 -22.16 -0.27 -18.13
C PHE B 103 -22.78 -1.61 -17.78
N HIS B 104 -23.27 -1.75 -16.55
CA HIS B 104 -23.69 -3.06 -16.08
C HIS B 104 -25.02 -3.49 -16.69
N ILE B 105 -25.97 -2.56 -16.83
CA ILE B 105 -27.23 -2.90 -17.49
C ILE B 105 -26.98 -3.28 -18.94
N SER B 106 -26.23 -2.46 -19.66
CA SER B 106 -25.94 -2.76 -21.06
C SER B 106 -25.20 -4.08 -21.19
N CYS B 107 -24.35 -4.42 -20.23
CA CYS B 107 -23.68 -5.70 -20.29
C CYS B 107 -24.67 -6.84 -20.10
N LEU B 108 -25.44 -6.81 -19.02
CA LEU B 108 -26.48 -7.82 -18.83
C LEU B 108 -27.37 -7.96 -20.04
N THR B 109 -27.60 -6.87 -20.78
CA THR B 109 -28.58 -6.91 -21.86
C THR B 109 -27.97 -7.38 -23.18
N PHE B 110 -26.72 -7.00 -23.47
CA PHE B 110 -26.16 -7.21 -24.80
C PHE B 110 -24.90 -8.06 -24.82
N GLY B 111 -24.22 -8.25 -23.70
CA GLY B 111 -22.92 -8.88 -23.76
C GLY B 111 -21.81 -7.91 -23.37
N ARG B 112 -20.97 -8.38 -22.44
CA ARG B 112 -19.81 -7.60 -22.02
C ARG B 112 -18.90 -7.27 -23.21
N GLU B 113 -18.71 -8.25 -24.10
CA GLU B 113 -17.88 -8.01 -25.27
C GLU B 113 -18.56 -7.07 -26.25
N THR B 114 -19.87 -7.23 -26.45
CA THR B 114 -20.62 -6.28 -27.26
C THR B 114 -20.43 -4.87 -26.76
N VAL B 115 -20.41 -4.69 -25.44
CA VAL B 115 -20.31 -3.34 -24.88
C VAL B 115 -18.89 -2.80 -25.01
N ILE B 116 -17.88 -3.65 -24.82
CA ILE B 116 -16.51 -3.20 -25.06
C ILE B 116 -16.35 -2.72 -26.49
N GLU B 117 -16.81 -3.54 -27.45
CA GLU B 117 -16.72 -3.18 -28.86
C GLU B 117 -17.52 -1.92 -29.15
N TYR B 118 -18.67 -1.75 -28.49
CA TYR B 118 -19.45 -0.54 -28.65
C TYR B 118 -18.69 0.68 -28.19
N LEU B 119 -17.95 0.54 -27.08
CA LEU B 119 -17.15 1.65 -26.60
C LEU B 119 -16.08 2.03 -27.62
N VAL B 120 -15.39 1.03 -28.16
CA VAL B 120 -14.36 1.30 -29.16
C VAL B 120 -14.97 2.01 -30.37
N SER B 121 -16.07 1.47 -30.88
CA SER B 121 -16.70 2.03 -32.07
C SER B 121 -17.23 3.44 -31.83
N PHE B 122 -17.83 3.68 -30.67
CA PHE B 122 -18.27 5.02 -30.34
C PHE B 122 -17.10 5.98 -30.22
N GLY B 123 -15.95 5.51 -29.76
CA GLY B 123 -14.77 6.34 -29.79
C GLY B 123 -14.38 6.72 -31.20
N VAL B 124 -14.38 5.73 -32.09
CA VAL B 124 -14.16 6.00 -33.52
C VAL B 124 -15.09 7.10 -34.00
N TRP B 125 -16.39 6.94 -33.71
CA TRP B 125 -17.39 7.87 -34.23
C TRP B 125 -17.20 9.26 -33.67
N ILE B 126 -16.94 9.38 -32.36
CA ILE B 126 -16.84 10.68 -31.72
C ILE B 126 -15.54 11.37 -32.06
N ARG B 127 -14.49 10.62 -32.40
CA ARG B 127 -13.24 11.22 -32.84
C ARG B 127 -13.27 11.58 -34.32
N THR B 128 -14.11 10.94 -35.10
CA THR B 128 -14.20 11.28 -36.51
C THR B 128 -14.71 12.71 -36.67
N PRO B 129 -14.02 13.55 -37.44
CA PRO B 129 -14.51 14.91 -37.66
C PRO B 129 -15.92 14.92 -38.20
N PRO B 130 -16.68 16.00 -38.00
CA PRO B 130 -18.10 15.97 -38.34
C PRO B 130 -18.37 15.93 -39.82
N ALA B 131 -17.48 16.48 -40.65
CA ALA B 131 -17.71 16.46 -42.08
C ALA B 131 -17.82 15.03 -42.61
N TYR B 132 -17.22 14.08 -41.92
CA TYR B 132 -17.26 12.67 -42.30
C TYR B 132 -17.86 11.80 -41.21
N ARG B 133 -18.45 12.40 -40.19
CA ARG B 133 -19.06 11.66 -39.10
C ARG B 133 -20.48 11.28 -39.48
N PRO B 134 -20.81 10.00 -39.60
CA PRO B 134 -22.18 9.62 -39.89
C PRO B 134 -23.12 10.15 -38.82
N PRO B 135 -24.31 10.61 -39.20
CA PRO B 135 -25.29 11.04 -38.17
C PRO B 135 -25.82 9.87 -37.37
N ASN B 136 -25.80 8.67 -37.93
CA ASN B 136 -26.28 7.47 -37.25
C ASN B 136 -25.20 7.05 -36.25
N ALA B 137 -25.27 7.64 -35.06
CA ALA B 137 -24.36 7.26 -34.00
C ALA B 137 -24.51 5.78 -33.69
N PRO B 138 -23.46 5.13 -33.21
CA PRO B 138 -23.59 3.71 -32.85
C PRO B 138 -24.58 3.54 -31.72
N ILE B 139 -25.28 2.41 -31.75
CA ILE B 139 -26.33 2.13 -30.79
C ILE B 139 -26.34 0.65 -30.51
N LEU B 140 -26.57 0.29 -29.25
CA LEU B 140 -26.67 -1.10 -28.86
C LEU B 140 -28.05 -1.64 -29.22
N SER B 141 -28.07 -2.83 -29.82
CA SER B 141 -29.30 -3.38 -30.34
C SER B 141 -29.15 -4.88 -30.50
N THR B 142 -30.22 -5.61 -30.18
CA THR B 142 -30.26 -7.05 -30.34
C THR B 142 -30.73 -7.44 -31.73
N LEU B 143 -31.93 -6.99 -32.11
CA LEU B 143 -32.49 -7.29 -33.42
C LEU B 143 -31.62 -6.71 -34.53
N MET C 1 14.20 3.06 -8.01
CA MET C 1 13.80 2.03 -9.00
C MET C 1 12.53 1.32 -8.56
N ASP C 2 11.84 1.87 -7.57
CA ASP C 2 10.62 1.29 -7.04
C ASP C 2 10.87 -0.14 -6.53
N ILE C 3 11.72 -0.22 -5.52
CA ILE C 3 12.12 -1.47 -4.89
C ILE C 3 11.43 -1.57 -3.55
N ASP C 4 10.90 -2.76 -3.25
CA ASP C 4 10.31 -3.05 -1.95
C ASP C 4 11.18 -4.08 -1.24
N PRO C 5 11.79 -3.75 -0.10
CA PRO C 5 12.72 -4.69 0.54
C PRO C 5 12.05 -5.90 1.16
N TYR C 6 10.74 -6.06 1.04
CA TYR C 6 10.02 -7.12 1.72
C TYR C 6 9.28 -8.07 0.79
N LYS C 7 9.14 -7.75 -0.49
CA LYS C 7 8.29 -8.56 -1.35
C LYS C 7 8.98 -9.82 -1.85
N GLU C 8 10.31 -9.84 -1.88
CA GLU C 8 11.01 -11.10 -2.12
C GLU C 8 10.84 -12.07 -0.95
N PHE C 9 10.36 -11.59 0.19
CA PHE C 9 10.03 -12.45 1.32
C PHE C 9 8.53 -12.66 1.50
N GLY C 10 7.71 -11.79 0.94
CA GLY C 10 6.27 -12.00 0.93
C GLY C 10 5.51 -10.97 1.73
N ALA C 11 6.07 -9.77 1.84
CA ALA C 11 5.50 -8.72 2.67
C ALA C 11 5.53 -7.41 1.88
N THR C 12 5.27 -6.31 2.56
CA THR C 12 5.14 -5.01 1.93
C THR C 12 5.16 -3.94 3.00
N VAL C 13 5.61 -2.74 2.62
CA VAL C 13 5.63 -1.63 3.56
C VAL C 13 4.21 -1.31 4.01
N GLU C 14 3.21 -1.62 3.19
CA GLU C 14 1.82 -1.45 3.61
C GLU C 14 1.46 -2.45 4.69
N LEU C 15 2.04 -3.65 4.64
CA LEU C 15 1.76 -4.67 5.64
C LEU C 15 2.53 -4.45 6.93
N LEU C 16 3.65 -3.75 6.88
CA LEU C 16 4.38 -3.45 8.10
C LEU C 16 3.98 -2.12 8.72
N SER C 17 3.54 -1.15 7.91
CA SER C 17 2.89 0.03 8.46
C SER C 17 1.48 -0.29 8.94
N PHE C 18 1.00 -1.51 8.68
CA PHE C 18 -0.25 -1.99 9.23
C PHE C 18 -0.19 -2.19 10.74
N LEU C 19 0.99 -2.00 11.33
CA LEU C 19 1.25 -2.02 12.75
C LEU C 19 1.65 -0.64 13.22
N PRO C 20 1.43 -0.31 14.49
CA PRO C 20 1.82 1.02 14.97
C PRO C 20 3.33 1.17 15.03
N SER C 21 3.79 2.39 14.75
CA SER C 21 5.21 2.68 14.88
C SER C 21 5.71 2.44 16.29
N ASP C 22 4.84 2.62 17.28
CA ASP C 22 5.20 2.42 18.67
C ASP C 22 5.26 0.95 19.07
N PHE C 23 5.17 0.04 18.10
CA PHE C 23 5.24 -1.38 18.39
C PHE C 23 6.64 -1.94 18.19
N PHE C 24 7.43 -1.35 17.31
CA PHE C 24 8.71 -1.94 16.95
C PHE C 24 9.75 -1.56 17.99
N PRO C 25 10.55 -2.51 18.47
CA PRO C 25 11.47 -2.21 19.56
C PRO C 25 12.61 -1.31 19.09
N SER C 26 13.38 -0.86 20.07
CA SER C 26 14.52 0.00 19.79
C SER C 26 15.54 -0.73 18.93
N VAL C 27 16.19 0.04 18.05
CA VAL C 27 17.19 -0.55 17.17
C VAL C 27 18.34 -1.10 17.99
N ARG C 28 18.62 -0.51 19.15
CA ARG C 28 19.63 -1.07 20.04
C ARG C 28 19.23 -2.46 20.52
N ASP C 29 17.99 -2.60 21.00
CA ASP C 29 17.51 -3.90 21.43
C ASP C 29 17.59 -4.92 20.30
N LEU C 30 17.21 -4.51 19.09
CA LEU C 30 17.23 -5.45 17.98
C LEU C 30 18.65 -5.86 17.60
N LEU C 31 19.57 -4.90 17.61
CA LEU C 31 20.96 -5.22 17.31
C LEU C 31 21.56 -6.14 18.37
N ASP C 32 21.18 -5.94 19.64
CA ASP C 32 21.61 -6.85 20.68
C ASP C 32 21.05 -8.24 20.47
N THR C 33 19.75 -8.34 20.15
CA THR C 33 19.14 -9.61 19.83
C THR C 33 19.90 -10.32 18.72
N ALA C 34 20.27 -9.58 17.68
CA ALA C 34 21.01 -10.18 16.57
C ALA C 34 22.38 -10.65 17.02
N SER C 35 23.15 -9.76 17.65
CA SER C 35 24.47 -10.13 18.14
C SER C 35 24.42 -11.37 19.02
N ALA C 36 23.31 -11.56 19.74
CA ALA C 36 23.21 -12.71 20.63
C ALA C 36 22.83 -13.97 19.89
N LEU C 37 21.92 -13.87 18.93
CA LEU C 37 21.29 -15.04 18.34
C LEU C 37 21.92 -15.49 17.03
N TYR C 38 22.45 -14.58 16.22
CA TYR C 38 22.93 -14.95 14.89
C TYR C 38 24.25 -14.26 14.53
N ARG C 39 25.03 -13.81 15.52
CA ARG C 39 26.31 -13.18 15.22
C ARG C 39 27.22 -14.12 14.47
N GLU C 40 27.26 -15.40 14.88
CA GLU C 40 28.17 -16.35 14.28
C GLU C 40 27.80 -16.68 12.85
N ALA C 41 26.57 -16.43 12.45
CA ALA C 41 26.13 -16.64 11.08
C ALA C 41 26.18 -15.38 10.24
N LEU C 42 26.05 -14.22 10.87
CA LEU C 42 26.17 -12.96 10.15
C LEU C 42 27.63 -12.64 9.86
N GLU C 43 28.54 -13.03 10.74
CA GLU C 43 29.97 -12.89 10.51
C GLU C 43 30.54 -14.10 9.77
N SER C 44 29.70 -14.97 9.25
CA SER C 44 30.15 -16.16 8.56
C SER C 44 30.30 -15.91 7.07
N PRO C 45 31.14 -16.69 6.40
CA PRO C 45 31.30 -16.58 4.93
C PRO C 45 30.35 -17.49 4.15
N GLU C 46 29.06 -17.39 4.42
CA GLU C 46 28.08 -18.28 3.84
C GLU C 46 26.79 -17.54 3.52
N HIS C 47 26.20 -17.87 2.38
CA HIS C 47 24.82 -17.45 2.06
C HIS C 47 23.89 -18.31 2.90
N CYS C 48 23.84 -18.00 4.20
CA CYS C 48 23.03 -18.82 5.09
C CYS C 48 21.55 -18.65 4.78
N SER C 49 21.13 -17.43 4.47
CA SER C 49 19.74 -17.17 4.09
C SER C 49 19.64 -15.73 3.62
N PRO C 50 18.66 -15.44 2.76
CA PRO C 50 18.44 -14.04 2.37
C PRO C 50 18.15 -13.15 3.55
N HIS C 51 17.58 -13.71 4.61
CA HIS C 51 17.39 -12.94 5.83
C HIS C 51 18.72 -12.49 6.40
N HIS C 52 19.69 -13.41 6.47
CA HIS C 52 21.03 -13.05 6.93
C HIS C 52 21.64 -11.99 6.02
N THR C 53 21.53 -12.17 4.71
CA THR C 53 22.07 -11.19 3.78
C THR C 53 21.51 -9.79 4.05
N ALA C 54 20.18 -9.67 4.02
CA ALA C 54 19.53 -8.39 4.23
C ALA C 54 19.86 -7.82 5.60
N LEU C 55 19.99 -8.69 6.61
CA LEU C 55 20.31 -8.23 7.96
C LEU C 55 21.69 -7.61 8.02
N ARG C 56 22.67 -8.28 7.41
CA ARG C 56 24.01 -7.70 7.30
C ARG C 56 23.96 -6.35 6.63
N GLN C 57 23.30 -6.28 5.47
CA GLN C 57 23.25 -5.02 4.73
C GLN C 57 22.59 -3.92 5.56
N ALA C 58 21.54 -4.27 6.30
CA ALA C 58 20.81 -3.27 7.08
C ALA C 58 21.64 -2.78 8.26
N ILE C 59 22.37 -3.69 8.91
CA ILE C 59 23.27 -3.28 9.98
C ILE C 59 24.32 -2.32 9.46
N LEU C 60 24.91 -2.62 8.30
CA LEU C 60 25.89 -1.73 7.72
C LEU C 60 25.28 -0.37 7.38
N CYS C 61 24.07 -0.38 6.83
CA CYS C 61 23.39 0.88 6.51
C CYS C 61 23.18 1.72 7.75
N TRP C 62 22.70 1.11 8.83
CA TRP C 62 22.52 1.85 10.07
C TRP C 62 23.84 2.40 10.57
N GLY C 63 24.92 1.63 10.45
CA GLY C 63 26.21 2.13 10.84
C GLY C 63 26.60 3.38 10.08
N GLU C 64 26.42 3.37 8.76
CA GLU C 64 26.76 4.53 7.95
C GLU C 64 25.89 5.72 8.32
N LEU C 65 24.58 5.49 8.47
CA LEU C 65 23.68 6.56 8.86
C LEU C 65 24.11 7.19 10.18
N MET C 66 24.41 6.35 11.17
CA MET C 66 24.84 6.86 12.47
C MET C 66 26.13 7.64 12.35
N THR C 67 27.07 7.15 11.54
CA THR C 67 28.31 7.88 11.33
C THR C 67 28.03 9.29 10.81
N LEU C 68 27.20 9.38 9.77
CA LEU C 68 26.88 10.68 9.18
C LEU C 68 26.18 11.59 10.19
N ALA C 69 25.21 11.04 10.92
CA ALA C 69 24.45 11.85 11.86
C ALA C 69 25.35 12.35 12.98
N THR C 70 26.23 11.50 13.50
CA THR C 70 27.19 11.92 14.51
C THR C 70 28.08 13.03 13.97
N TRP C 71 28.55 12.87 12.73
CA TRP C 71 29.41 13.89 12.14
C TRP C 71 28.70 15.23 12.06
N VAL C 72 27.48 15.25 11.54
CA VAL C 72 26.78 16.52 11.38
C VAL C 72 26.38 17.10 12.72
N GLY C 73 26.10 16.25 13.71
CA GLY C 73 25.80 16.76 15.03
C GLY C 73 27.01 17.42 15.67
N VAL C 74 28.18 16.79 15.56
CA VAL C 74 29.41 17.40 16.04
C VAL C 74 29.65 18.73 15.34
N ASN C 75 29.44 18.75 14.02
CA ASN C 75 29.67 19.99 13.27
C ASN C 75 28.72 21.09 13.72
N LEU C 76 27.45 20.75 13.97
CA LEU C 76 26.47 21.74 14.35
C LEU C 76 26.76 22.30 15.74
N GLU C 77 26.34 23.54 15.99
CA GLU C 77 26.57 24.18 17.28
C GLU C 77 25.41 24.04 18.24
N ASP C 78 24.19 24.14 17.71
CA ASP C 78 23.02 24.21 18.62
C ASP C 78 22.47 22.83 19.00
N PRO C 79 22.34 22.48 20.30
CA PRO C 79 21.62 21.26 20.68
C PRO C 79 20.20 21.23 20.16
N ALA C 80 19.59 22.38 19.89
CA ALA C 80 18.28 22.40 19.26
C ALA C 80 18.34 21.80 17.86
N SER C 81 19.35 22.23 17.10
CA SER C 81 19.55 21.72 15.74
C SER C 81 19.89 20.22 15.81
N ARG C 82 20.66 19.80 16.81
CA ARG C 82 20.98 18.39 16.99
C ARG C 82 19.73 17.58 17.31
N ASP C 83 18.86 18.12 18.16
CA ASP C 83 17.59 17.47 18.45
C ASP C 83 16.75 17.32 17.19
N LEU C 84 16.70 18.38 16.38
CA LEU C 84 16.00 18.31 15.11
C LEU C 84 16.50 17.14 14.27
N VAL C 85 17.81 17.09 14.04
CA VAL C 85 18.37 16.11 13.12
C VAL C 85 18.17 14.70 13.67
N VAL C 86 18.37 14.51 14.97
CA VAL C 86 18.25 13.17 15.54
C VAL C 86 16.80 12.72 15.54
N SER C 87 15.87 13.63 15.84
CA SER C 87 14.45 13.29 15.78
C SER C 87 14.06 12.89 14.37
N TYR C 88 14.56 13.61 13.37
CA TYR C 88 14.23 13.27 11.99
C TYR C 88 14.77 11.89 11.62
N VAL C 89 16.07 11.68 11.84
CA VAL C 89 16.68 10.41 11.48
C VAL C 89 15.96 9.27 12.19
N ASN C 90 15.69 9.43 13.49
CA ASN C 90 14.93 8.39 14.18
C ASN C 90 13.62 8.18 13.46
N THR C 91 12.73 9.17 13.53
CA THR C 91 11.38 9.06 13.02
C THR C 91 11.31 8.34 11.69
N ASN C 92 12.20 8.69 10.75
CA ASN C 92 12.10 8.09 9.41
C ASN C 92 12.99 6.87 9.25
N MET C 93 14.31 7.06 9.35
CA MET C 93 15.23 5.99 9.01
C MET C 93 15.34 4.98 10.12
N GLY C 94 15.32 5.43 11.38
CA GLY C 94 15.36 4.48 12.47
C GLY C 94 14.11 3.62 12.51
N LEU C 95 12.97 4.20 12.12
CA LEU C 95 11.74 3.41 12.04
C LEU C 95 11.82 2.40 10.91
N LYS C 96 12.30 2.81 9.74
CA LYS C 96 12.47 1.85 8.65
C LYS C 96 13.40 0.72 9.05
N LEU C 97 14.52 1.04 9.69
CA LEU C 97 15.46 0.01 10.11
C LEU C 97 14.89 -0.85 11.21
N ARG C 98 14.09 -0.28 12.11
CA ARG C 98 13.40 -1.07 13.11
C ARG C 98 12.49 -2.10 12.45
N GLN C 99 11.67 -1.65 11.50
CA GLN C 99 10.81 -2.57 10.77
C GLN C 99 11.63 -3.68 10.12
N LEU C 100 12.71 -3.31 9.45
CA LEU C 100 13.50 -4.28 8.71
C LEU C 100 14.15 -5.30 9.63
N LEU C 101 14.83 -4.83 10.67
CA LEU C 101 15.48 -5.74 11.61
C LEU C 101 14.48 -6.61 12.32
N TRP C 102 13.35 -6.05 12.76
CA TRP C 102 12.31 -6.85 13.35
C TRP C 102 11.85 -7.93 12.39
N PHE C 103 11.52 -7.56 11.16
CA PHE C 103 11.09 -8.54 10.18
C PHE C 103 12.07 -9.70 10.09
N HIS C 104 13.34 -9.38 9.89
CA HIS C 104 14.30 -10.44 9.59
C HIS C 104 14.66 -11.26 10.82
N ILE C 105 14.90 -10.60 11.95
CA ILE C 105 15.16 -11.33 13.19
C ILE C 105 13.99 -12.23 13.54
N SER C 106 12.78 -11.67 13.60
CA SER C 106 11.61 -12.45 13.92
C SER C 106 11.41 -13.58 12.93
N CYS C 107 11.79 -13.38 11.66
CA CYS C 107 11.66 -14.46 10.69
C CYS C 107 12.62 -15.58 11.01
N LEU C 108 13.92 -15.27 11.08
CA LEU C 108 14.91 -16.26 11.48
C LEU C 108 14.50 -16.98 12.77
N THR C 109 13.77 -16.30 13.65
CA THR C 109 13.44 -16.88 14.94
C THR C 109 12.23 -17.80 14.88
N PHE C 110 11.14 -17.32 14.28
CA PHE C 110 9.86 -18.02 14.34
C PHE C 110 9.41 -18.61 13.02
N GLY C 111 9.68 -17.95 11.90
CA GLY C 111 9.08 -18.36 10.65
C GLY C 111 8.52 -17.18 9.88
N ARG C 112 8.86 -17.12 8.59
CA ARG C 112 8.36 -16.06 7.73
C ARG C 112 6.83 -16.02 7.73
N GLU C 113 6.21 -17.18 7.57
CA GLU C 113 4.76 -17.24 7.51
C GLU C 113 4.13 -16.89 8.85
N THR C 114 4.73 -17.34 9.94
CA THR C 114 4.21 -16.97 11.25
C THR C 114 4.30 -15.48 11.45
N VAL C 115 5.36 -14.85 10.95
CA VAL C 115 5.53 -13.41 11.11
C VAL C 115 4.51 -12.66 10.29
N ILE C 116 4.20 -13.13 9.09
CA ILE C 116 3.21 -12.44 8.26
C ILE C 116 1.82 -12.58 8.86
N GLU C 117 1.45 -13.80 9.26
CA GLU C 117 0.20 -14.00 9.96
C GLU C 117 0.12 -13.15 11.21
N TYR C 118 1.23 -13.01 11.93
CA TYR C 118 1.27 -12.17 13.11
C TYR C 118 1.02 -10.72 12.75
N LEU C 119 1.62 -10.25 11.67
CA LEU C 119 1.38 -8.88 11.23
C LEU C 119 -0.10 -8.64 11.00
N VAL C 120 -0.74 -9.48 10.18
CA VAL C 120 -2.14 -9.26 9.86
C VAL C 120 -3.01 -9.38 11.10
N SER C 121 -2.72 -10.38 11.94
CA SER C 121 -3.52 -10.61 13.14
C SER C 121 -3.41 -9.45 14.11
N PHE C 122 -2.20 -8.99 14.39
CA PHE C 122 -2.02 -7.88 15.31
C PHE C 122 -2.62 -6.60 14.75
N GLY C 123 -2.57 -6.41 13.44
CA GLY C 123 -3.21 -5.25 12.86
C GLY C 123 -4.71 -5.27 13.06
N VAL C 124 -5.35 -6.38 12.71
CA VAL C 124 -6.79 -6.50 12.92
C VAL C 124 -7.12 -6.35 14.40
N TRP C 125 -6.30 -6.93 15.28
CA TRP C 125 -6.53 -6.82 16.71
C TRP C 125 -6.51 -5.37 17.16
N ILE C 126 -5.41 -4.67 16.89
CA ILE C 126 -5.28 -3.29 17.34
C ILE C 126 -6.31 -2.39 16.68
N ARG C 127 -6.88 -2.81 15.56
CA ARG C 127 -7.93 -2.02 14.92
C ARG C 127 -9.33 -2.40 15.40
N THR C 128 -9.46 -3.52 16.05
CA THR C 128 -10.74 -3.98 16.58
C THR C 128 -11.05 -3.29 17.90
N PRO C 129 -12.32 -3.04 18.19
CA PRO C 129 -12.68 -2.49 19.49
C PRO C 129 -12.35 -3.47 20.61
N PRO C 130 -12.03 -2.98 21.80
CA PRO C 130 -11.54 -3.89 22.85
C PRO C 130 -12.59 -4.86 23.35
N ALA C 131 -13.85 -4.42 23.42
CA ALA C 131 -14.91 -5.26 23.97
C ALA C 131 -15.22 -6.47 23.12
N TYR C 132 -14.71 -6.54 21.89
CA TYR C 132 -15.05 -7.60 20.96
C TYR C 132 -13.80 -8.24 20.38
N ARG C 133 -12.71 -8.22 21.11
CA ARG C 133 -11.46 -8.85 20.73
C ARG C 133 -10.89 -9.56 21.95
N PRO C 134 -9.97 -10.49 21.76
CA PRO C 134 -9.23 -11.04 22.87
C PRO C 134 -8.49 -9.94 23.62
N PRO C 135 -8.49 -9.98 24.95
CA PRO C 135 -7.95 -8.84 25.71
C PRO C 135 -6.44 -8.75 25.69
N ASN C 136 -5.74 -9.87 25.46
CA ASN C 136 -4.29 -9.90 25.50
C ASN C 136 -3.73 -9.70 24.09
N ALA C 137 -2.80 -8.77 23.97
CA ALA C 137 -2.18 -8.52 22.68
C ALA C 137 -1.46 -9.77 22.19
N PRO C 138 -1.45 -10.02 20.88
CA PRO C 138 -0.68 -11.15 20.37
C PRO C 138 0.81 -10.96 20.58
N ILE C 139 1.51 -12.08 20.56
CA ILE C 139 2.95 -12.08 20.76
C ILE C 139 3.52 -13.36 20.19
N LEU C 140 4.74 -13.29 19.70
CA LEU C 140 5.44 -14.46 19.19
C LEU C 140 6.20 -15.14 20.31
N SER C 141 6.25 -16.47 20.26
CA SER C 141 6.87 -17.25 21.31
C SER C 141 7.37 -18.57 20.76
N THR C 142 8.61 -18.91 21.12
CA THR C 142 9.18 -20.21 20.80
C THR C 142 8.93 -21.24 21.89
N LEU C 143 8.21 -20.87 22.92
CA LEU C 143 8.00 -21.68 24.10
C LEU C 143 6.59 -22.25 24.10
N PRO C 144 6.41 -23.57 24.23
CA PRO C 144 5.07 -24.13 24.32
C PRO C 144 4.46 -24.02 25.71
N MET D 1 28.50 -5.21 15.52
CA MET D 1 29.26 -6.37 14.97
C MET D 1 30.30 -5.91 13.96
N ASP D 2 31.19 -6.82 13.61
CA ASP D 2 32.19 -6.59 12.58
C ASP D 2 31.84 -7.49 11.41
N ILE D 3 30.96 -6.99 10.55
CA ILE D 3 30.48 -7.72 9.38
C ILE D 3 31.24 -7.24 8.15
N ASP D 4 31.65 -8.18 7.31
CA ASP D 4 32.20 -7.87 6.01
C ASP D 4 31.15 -8.22 4.96
N PRO D 5 30.65 -7.26 4.18
CA PRO D 5 29.58 -7.57 3.22
C PRO D 5 30.05 -8.35 2.01
N TYR D 6 31.31 -8.78 1.96
CA TYR D 6 31.86 -9.45 0.80
C TYR D 6 32.28 -10.89 1.06
N LYS D 7 32.72 -11.23 2.27
CA LYS D 7 33.18 -12.58 2.51
C LYS D 7 32.07 -13.59 2.33
N GLU D 8 30.82 -13.16 2.44
CA GLU D 8 29.70 -13.98 2.02
C GLU D 8 29.71 -14.24 0.52
N PHE D 9 30.39 -13.38 -0.24
CA PHE D 9 30.53 -13.53 -1.68
C PHE D 9 31.95 -13.87 -2.11
N GLY D 10 32.81 -14.22 -1.16
CA GLY D 10 34.14 -14.70 -1.48
C GLY D 10 35.20 -13.64 -1.58
N ALA D 11 34.98 -12.46 -1.02
CA ALA D 11 35.92 -11.36 -1.09
C ALA D 11 36.01 -10.71 0.28
N THR D 12 36.68 -9.56 0.33
CA THR D 12 36.84 -8.80 1.56
C THR D 12 37.01 -7.34 1.21
N VAL D 13 36.91 -6.48 2.24
CA VAL D 13 37.12 -5.06 2.04
C VAL D 13 38.58 -4.72 1.79
N GLU D 14 39.48 -5.69 1.96
CA GLU D 14 40.89 -5.49 1.70
C GLU D 14 41.33 -6.05 0.35
N LEU D 15 40.53 -6.94 -0.23
CA LEU D 15 40.75 -7.34 -1.62
C LEU D 15 40.21 -6.31 -2.60
N LEU D 16 39.20 -5.54 -2.20
CA LEU D 16 38.71 -4.44 -3.01
C LEU D 16 39.48 -3.14 -2.77
N SER D 17 40.38 -3.12 -1.80
CA SER D 17 41.29 -2.00 -1.65
C SER D 17 42.45 -2.06 -2.62
N PHE D 18 42.56 -3.14 -3.40
CA PHE D 18 43.53 -3.19 -4.48
C PHE D 18 43.21 -2.14 -5.53
N LEU D 19 41.93 -1.88 -5.75
CA LEU D 19 41.45 -0.82 -6.63
C LEU D 19 41.46 0.52 -5.89
N PRO D 20 41.99 1.57 -6.49
CA PRO D 20 41.96 2.88 -5.81
C PRO D 20 40.53 3.41 -5.71
N SER D 21 40.41 4.50 -4.96
CA SER D 21 39.14 5.21 -4.88
C SER D 21 38.79 5.89 -6.19
N ASP D 22 39.80 6.21 -6.99
CA ASP D 22 39.60 6.86 -8.28
C ASP D 22 38.95 5.94 -9.30
N PHE D 23 38.83 4.66 -9.00
CA PHE D 23 38.46 3.65 -9.98
C PHE D 23 36.96 3.49 -10.13
N PHE D 24 36.22 3.76 -9.10
CA PHE D 24 34.83 3.31 -9.07
C PHE D 24 33.93 4.34 -9.75
N PRO D 25 33.04 3.92 -10.65
CA PRO D 25 32.19 4.89 -11.34
C PRO D 25 31.24 5.57 -10.38
N SER D 26 30.62 6.63 -10.88
CA SER D 26 29.66 7.39 -10.11
C SER D 26 28.44 6.53 -9.78
N VAL D 27 27.77 6.89 -8.68
CA VAL D 27 26.58 6.16 -8.28
C VAL D 27 25.51 6.30 -9.33
N ARG D 28 25.45 7.45 -10.00
CA ARG D 28 24.50 7.63 -11.09
C ARG D 28 24.77 6.63 -12.20
N ASP D 29 26.03 6.49 -12.61
CA ASP D 29 26.39 5.54 -13.64
C ASP D 29 26.01 4.11 -13.23
N LEU D 30 26.29 3.74 -11.99
CA LEU D 30 26.03 2.38 -11.57
C LEU D 30 24.54 2.09 -11.43
N LEU D 31 23.77 3.07 -10.93
CA LEU D 31 22.33 2.90 -10.85
C LEU D 31 21.71 2.83 -12.23
N ASP D 32 22.25 3.58 -13.20
CA ASP D 32 21.78 3.46 -14.56
C ASP D 32 22.08 2.08 -15.13
N THR D 33 23.30 1.58 -14.90
CA THR D 33 23.64 0.22 -15.30
C THR D 33 22.64 -0.79 -14.74
N ALA D 34 22.35 -0.67 -13.45
CA ALA D 34 21.41 -1.60 -12.83
C ALA D 34 20.02 -1.48 -13.44
N SER D 35 19.47 -0.27 -13.47
CA SER D 35 18.16 -0.06 -14.07
C SER D 35 18.10 -0.59 -15.48
N ALA D 36 19.24 -0.61 -16.17
CA ALA D 36 19.25 -1.07 -17.56
C ALA D 36 19.27 -2.59 -17.65
N LEU D 37 20.03 -3.24 -16.78
CA LEU D 37 20.31 -4.66 -16.95
C LEU D 37 19.50 -5.58 -16.05
N TYR D 38 19.17 -5.16 -14.82
CA TYR D 38 18.57 -6.06 -13.83
C TYR D 38 17.39 -5.41 -13.13
N ARG D 39 16.71 -4.49 -13.80
CA ARG D 39 15.58 -3.80 -13.18
C ARG D 39 14.42 -4.75 -12.90
N GLU D 40 14.03 -5.54 -13.89
CA GLU D 40 12.88 -6.41 -13.74
C GLU D 40 13.14 -7.53 -12.73
N ALA D 41 14.39 -7.77 -12.40
CA ALA D 41 14.73 -8.76 -11.38
C ALA D 41 14.87 -8.13 -10.00
N LEU D 42 15.35 -6.89 -9.93
CA LEU D 42 15.39 -6.19 -8.66
C LEU D 42 14.00 -5.79 -8.18
N GLU D 43 13.09 -5.53 -9.12
CA GLU D 43 11.70 -5.23 -8.79
C GLU D 43 10.84 -6.49 -8.71
N SER D 44 11.45 -7.65 -8.68
CA SER D 44 10.75 -8.91 -8.72
C SER D 44 10.50 -9.44 -7.32
N PRO D 45 9.50 -10.30 -7.16
CA PRO D 45 9.22 -10.88 -5.83
C PRO D 45 10.02 -12.13 -5.54
N GLU D 46 11.10 -12.36 -6.28
CA GLU D 46 11.86 -13.60 -6.20
C GLU D 46 13.22 -13.36 -5.53
N HIS D 47 13.68 -14.38 -4.80
CA HIS D 47 15.05 -14.43 -4.30
C HIS D 47 15.92 -14.90 -5.45
N CYS D 48 16.16 -14.01 -6.40
CA CYS D 48 16.88 -14.41 -7.61
C CYS D 48 18.34 -14.69 -7.32
N SER D 49 18.93 -13.96 -6.37
CA SER D 49 20.32 -14.17 -6.01
C SER D 49 20.67 -13.33 -4.78
N PRO D 50 21.64 -13.79 -3.98
CA PRO D 50 22.16 -12.92 -2.92
C PRO D 50 22.68 -11.61 -3.46
N HIS D 51 23.21 -11.60 -4.68
CA HIS D 51 23.65 -10.36 -5.29
C HIS D 51 22.47 -9.42 -5.50
N HIS D 52 21.34 -9.96 -5.95
CA HIS D 52 20.14 -9.14 -6.13
C HIS D 52 19.67 -8.59 -4.79
N THR D 53 19.60 -9.44 -3.78
CA THR D 53 19.22 -8.99 -2.44
C THR D 53 20.10 -7.84 -1.97
N ALA D 54 21.42 -8.03 -2.04
CA ALA D 54 22.35 -7.04 -1.56
C ALA D 54 22.26 -5.76 -2.37
N LEU D 55 22.04 -5.87 -3.68
CA LEU D 55 21.90 -4.69 -4.52
C LEU D 55 20.67 -3.90 -4.14
N ARG D 56 19.55 -4.59 -3.89
CA ARG D 56 18.35 -3.90 -3.43
C ARG D 56 18.62 -3.15 -2.14
N GLN D 57 19.22 -3.83 -1.16
CA GLN D 57 19.47 -3.19 0.11
C GLN D 57 20.41 -1.99 -0.05
N ALA D 58 21.41 -2.11 -0.92
CA ALA D 58 22.35 -1.02 -1.11
C ALA D 58 21.68 0.18 -1.77
N ILE D 59 20.80 -0.07 -2.75
CA ILE D 59 20.07 1.01 -3.38
C ILE D 59 19.20 1.72 -2.36
N LEU D 60 18.52 0.96 -1.51
CA LEU D 60 17.68 1.59 -0.49
C LEU D 60 18.53 2.38 0.51
N CYS D 61 19.72 1.89 0.83
CA CYS D 61 20.61 2.62 1.71
C CYS D 61 21.02 3.94 1.09
N TRP D 62 21.41 3.92 -0.18
CA TRP D 62 21.74 5.16 -0.87
C TRP D 62 20.56 6.11 -0.86
N GLY D 63 19.35 5.59 -1.06
CA GLY D 63 18.17 6.44 -0.99
C GLY D 63 18.03 7.11 0.36
N GLU D 64 18.15 6.34 1.43
CA GLU D 64 18.03 6.92 2.77
C GLU D 64 19.09 7.97 3.02
N LEU D 65 20.34 7.68 2.62
CA LEU D 65 21.42 8.61 2.86
C LEU D 65 21.21 9.91 2.09
N MET D 66 20.86 9.80 0.80
CA MET D 66 20.58 10.98 0.00
C MET D 66 19.45 11.79 0.61
N THR D 67 18.39 11.12 1.05
CA THR D 67 17.28 11.84 1.67
C THR D 67 17.74 12.59 2.90
N LEU D 68 18.52 11.94 3.76
CA LEU D 68 18.99 12.59 4.97
C LEU D 68 19.83 13.81 4.64
N ALA D 69 20.82 13.64 3.76
CA ALA D 69 21.69 14.76 3.39
C ALA D 69 20.92 15.89 2.72
N THR D 70 19.95 15.58 1.87
CA THR D 70 19.16 16.61 1.21
C THR D 70 18.31 17.37 2.21
N TRP D 71 17.64 16.66 3.12
CA TRP D 71 16.86 17.34 4.16
C TRP D 71 17.77 18.21 5.02
N VAL D 72 18.96 17.72 5.34
CA VAL D 72 19.93 18.51 6.10
C VAL D 72 20.23 19.81 5.37
N GLY D 73 20.66 19.69 4.11
CA GLY D 73 20.99 20.88 3.35
C GLY D 73 19.84 21.86 3.26
N VAL D 74 18.63 21.34 3.04
CA VAL D 74 17.45 22.18 2.88
C VAL D 74 17.12 22.91 4.17
N ASN D 75 17.39 22.25 5.30
CA ASN D 75 17.12 22.85 6.64
C ASN D 75 18.35 23.63 7.12
N LEU D 76 19.53 23.31 6.60
CA LEU D 76 20.77 24.05 6.98
C LEU D 76 20.74 25.41 6.29
N GLU D 77 21.57 26.37 6.73
CA GLU D 77 21.49 27.75 6.17
C GLU D 77 22.65 28.08 5.23
N ASP D 78 23.88 27.91 5.70
CA ASP D 78 25.06 28.29 4.94
C ASP D 78 25.29 27.34 3.78
N PRO D 79 25.72 27.86 2.61
CA PRO D 79 25.98 26.96 1.47
C PRO D 79 27.26 26.16 1.59
N ALA D 80 28.33 26.76 2.11
CA ALA D 80 29.61 26.05 2.21
C ALA D 80 29.52 24.89 3.18
N SER D 81 28.76 25.06 4.26
CA SER D 81 28.48 23.96 5.16
C SER D 81 27.88 22.78 4.40
N ARG D 82 26.82 23.05 3.65
CA ARG D 82 26.21 22.02 2.83
C ARG D 82 27.21 21.40 1.87
N ASP D 83 28.09 22.23 1.31
CA ASP D 83 29.04 21.76 0.31
C ASP D 83 29.99 20.73 0.91
N LEU D 84 30.66 21.07 2.01
CA LEU D 84 31.57 20.08 2.57
C LEU D 84 30.84 18.95 3.26
N VAL D 85 29.57 19.14 3.65
CA VAL D 85 28.75 18.01 4.10
C VAL D 85 28.65 16.97 3.00
N VAL D 86 28.18 17.38 1.82
CA VAL D 86 28.03 16.42 0.74
C VAL D 86 29.39 15.91 0.29
N SER D 87 30.44 16.72 0.46
CA SER D 87 31.79 16.23 0.18
C SER D 87 32.14 15.06 1.08
N TYR D 88 31.94 15.22 2.39
CA TYR D 88 32.20 14.13 3.33
C TYR D 88 31.37 12.90 2.98
N VAL D 89 30.11 13.12 2.60
CA VAL D 89 29.26 12.01 2.18
C VAL D 89 29.90 11.27 1.01
N ASN D 90 30.08 11.97 -0.11
CA ASN D 90 30.67 11.36 -1.30
C ASN D 90 32.02 10.73 -1.01
N THR D 91 32.72 11.17 0.03
CA THR D 91 34.04 10.63 0.32
C THR D 91 33.96 9.35 1.14
N ASN D 92 33.02 9.28 2.09
CA ASN D 92 32.97 8.17 3.03
C ASN D 92 31.91 7.14 2.67
N MET D 93 30.65 7.58 2.50
CA MET D 93 29.56 6.65 2.27
C MET D 93 29.37 6.36 0.79
N GLY D 94 29.49 7.39 -0.04
CA GLY D 94 29.40 7.19 -1.47
C GLY D 94 30.44 6.21 -1.98
N LEU D 95 31.64 6.27 -1.41
CA LEU D 95 32.69 5.35 -1.86
C LEU D 95 32.35 3.90 -1.52
N LYS D 96 31.87 3.66 -0.30
CA LYS D 96 31.50 2.31 0.08
C LYS D 96 30.35 1.79 -0.77
N LEU D 97 29.34 2.63 -1.00
CA LEU D 97 28.22 2.19 -1.83
C LEU D 97 28.64 1.97 -3.27
N ARG D 98 29.58 2.76 -3.76
CA ARG D 98 30.14 2.54 -5.09
C ARG D 98 30.83 1.18 -5.16
N GLN D 99 31.70 0.89 -4.20
CA GLN D 99 32.35 -0.41 -4.15
C GLN D 99 31.33 -1.53 -4.17
N LEU D 100 30.28 -1.40 -3.35
CA LEU D 100 29.28 -2.45 -3.25
C LEU D 100 28.53 -2.64 -4.56
N LEU D 101 28.03 -1.54 -5.12
CA LEU D 101 27.29 -1.61 -6.36
C LEU D 101 28.16 -2.16 -7.48
N TRP D 102 29.40 -1.71 -7.58
CA TRP D 102 30.31 -2.24 -8.59
C TRP D 102 30.49 -3.74 -8.42
N PHE D 103 30.84 -4.17 -7.21
CA PHE D 103 31.03 -5.59 -6.95
C PHE D 103 29.83 -6.40 -7.41
N HIS D 104 28.63 -5.98 -7.02
CA HIS D 104 27.45 -6.80 -7.29
C HIS D 104 27.03 -6.76 -8.75
N ILE D 105 27.04 -5.57 -9.36
CA ILE D 105 26.70 -5.47 -10.77
C ILE D 105 27.70 -6.24 -11.63
N SER D 106 28.96 -6.26 -11.23
CA SER D 106 29.95 -6.99 -11.99
C SER D 106 29.82 -8.49 -11.79
N CYS D 107 29.49 -8.92 -10.57
CA CYS D 107 29.26 -10.34 -10.33
C CYS D 107 28.01 -10.82 -11.04
N LEU D 108 27.06 -9.93 -11.29
CA LEU D 108 25.88 -10.29 -12.06
C LEU D 108 26.17 -10.29 -13.56
N THR D 109 26.97 -9.34 -14.03
CA THR D 109 27.25 -9.22 -15.45
C THR D 109 28.29 -10.24 -15.91
N PHE D 110 29.32 -10.46 -15.10
CA PHE D 110 30.45 -11.29 -15.51
C PHE D 110 30.59 -12.57 -14.69
N GLY D 111 30.49 -12.47 -13.37
CA GLY D 111 30.66 -13.64 -12.53
C GLY D 111 31.51 -13.35 -11.31
N ARG D 112 31.20 -14.04 -10.21
CA ARG D 112 31.90 -13.83 -8.96
C ARG D 112 33.38 -14.18 -9.09
N GLU D 113 33.66 -15.37 -9.63
CA GLU D 113 35.05 -15.80 -9.79
C GLU D 113 35.80 -14.89 -10.75
N THR D 114 35.15 -14.53 -11.86
CA THR D 114 35.77 -13.61 -12.80
C THR D 114 36.13 -12.29 -12.12
N VAL D 115 35.24 -11.78 -11.29
CA VAL D 115 35.49 -10.50 -10.64
C VAL D 115 36.61 -10.61 -9.63
N ILE D 116 36.70 -11.73 -8.92
CA ILE D 116 37.77 -11.88 -7.94
C ILE D 116 39.12 -12.01 -8.65
N GLU D 117 39.17 -12.78 -9.73
CA GLU D 117 40.40 -12.89 -10.51
C GLU D 117 40.79 -11.53 -11.09
N TYR D 118 39.78 -10.76 -11.51
CA TYR D 118 40.04 -9.41 -11.99
C TYR D 118 40.65 -8.56 -10.90
N LEU D 119 40.16 -8.69 -9.67
CA LEU D 119 40.71 -7.92 -8.57
C LEU D 119 42.17 -8.28 -8.32
N VAL D 120 42.47 -9.58 -8.30
CA VAL D 120 43.84 -10.03 -8.12
C VAL D 120 44.74 -9.46 -9.22
N SER D 121 44.32 -9.61 -10.47
CA SER D 121 45.14 -9.18 -11.60
C SER D 121 45.33 -7.66 -11.60
N PHE D 122 44.28 -6.91 -11.26
CA PHE D 122 44.42 -5.47 -11.20
C PHE D 122 45.29 -5.04 -10.04
N GLY D 123 45.30 -5.82 -8.95
CA GLY D 123 46.26 -5.53 -7.89
C GLY D 123 47.69 -5.73 -8.36
N VAL D 124 47.93 -6.81 -9.10
CA VAL D 124 49.24 -7.00 -9.73
C VAL D 124 49.60 -5.78 -10.57
N TRP D 125 48.67 -5.37 -11.43
CA TRP D 125 48.93 -4.29 -12.36
C TRP D 125 49.23 -2.98 -11.65
N ILE D 126 48.44 -2.65 -10.62
CA ILE D 126 48.58 -1.38 -9.94
C ILE D 126 49.71 -1.39 -8.93
N ARG D 127 50.17 -2.56 -8.50
CA ARG D 127 51.38 -2.62 -7.70
C ARG D 127 52.62 -2.49 -8.57
N THR D 128 52.58 -3.03 -9.76
CA THR D 128 53.69 -2.94 -10.68
C THR D 128 54.07 -1.48 -10.90
N PRO D 129 55.32 -1.08 -10.64
CA PRO D 129 55.72 0.28 -10.90
C PRO D 129 55.44 0.67 -12.35
N PRO D 130 55.24 1.96 -12.62
CA PRO D 130 54.80 2.36 -13.97
C PRO D 130 55.83 2.08 -15.04
N ALA D 131 57.12 2.13 -14.71
CA ALA D 131 58.14 1.87 -15.71
C ALA D 131 57.99 0.50 -16.33
N TYR D 132 57.49 -0.47 -15.55
CA TYR D 132 57.31 -1.84 -16.00
C TYR D 132 55.83 -2.23 -16.03
N ARG D 133 54.95 -1.23 -16.11
CA ARG D 133 53.52 -1.46 -16.10
C ARG D 133 52.98 -1.35 -17.51
N PRO D 134 52.35 -2.38 -18.06
CA PRO D 134 51.76 -2.26 -19.38
C PRO D 134 50.62 -1.27 -19.38
N PRO D 135 50.29 -0.69 -20.53
CA PRO D 135 49.19 0.27 -20.57
C PRO D 135 47.83 -0.40 -20.63
N ASN D 136 47.78 -1.59 -21.21
CA ASN D 136 46.54 -2.34 -21.36
C ASN D 136 46.21 -2.98 -20.01
N ALA D 137 45.69 -2.15 -19.12
CA ALA D 137 45.24 -2.62 -17.82
C ALA D 137 44.22 -3.74 -17.97
N PRO D 138 44.04 -4.58 -16.96
CA PRO D 138 42.98 -5.58 -17.03
C PRO D 138 41.62 -4.93 -16.96
N ILE D 139 40.65 -5.57 -17.60
CA ILE D 139 39.29 -5.05 -17.65
C ILE D 139 38.33 -6.22 -17.84
N LEU D 140 37.11 -6.03 -17.35
CA LEU D 140 36.07 -7.04 -17.45
C LEU D 140 35.33 -6.88 -18.77
N SER D 141 35.18 -7.98 -19.49
CA SER D 141 34.60 -7.93 -20.82
C SER D 141 34.07 -9.31 -21.18
N THR D 142 32.94 -9.33 -21.89
CA THR D 142 32.43 -10.53 -22.52
C THR D 142 32.99 -10.71 -23.93
N LEU D 143 34.03 -9.95 -24.28
CA LEU D 143 34.60 -9.93 -25.61
C LEU D 143 36.09 -10.30 -25.55
N PRO D 144 36.76 -10.45 -26.70
CA PRO D 144 38.20 -10.65 -26.71
C PRO D 144 38.97 -9.52 -26.03
N UNK E 1 32.13 22.74 10.56
CA UNK E 1 31.26 23.88 10.19
C UNK E 1 30.70 24.53 11.46
N UNK E 2 30.09 25.70 11.32
CA UNK E 2 29.41 26.35 12.46
C UNK E 2 28.04 26.72 11.91
N UNK E 3 27.22 25.73 11.62
CA UNK E 3 25.91 26.00 10.99
C UNK E 3 24.80 25.56 11.95
N UNK E 4 23.62 26.20 11.87
CA UNK E 4 22.49 25.75 12.70
C UNK E 4 21.22 25.73 11.85
N UNK E 5 20.27 24.85 12.15
CA UNK E 5 19.08 24.67 11.29
C UNK E 5 17.93 25.57 11.72
N UNK E 6 16.84 25.58 10.93
CA UNK E 6 15.62 26.35 11.28
C UNK E 6 14.51 26.08 10.25
N UNK F 1 -31.53 23.38 9.46
CA UNK F 1 -30.97 24.69 9.84
C UNK F 1 -29.45 24.62 9.77
N UNK F 2 -28.88 24.47 8.58
CA UNK F 2 -27.42 24.24 8.47
C UNK F 2 -26.71 25.17 7.49
N UNK F 3 -26.56 26.46 7.81
CA UNK F 3 -25.75 27.39 6.98
C UNK F 3 -26.28 27.68 5.58
N UNK F 4 -25.51 28.42 4.77
CA UNK F 4 -25.89 28.77 3.39
C UNK F 4 -24.74 28.39 2.48
N UNK F 5 -24.95 27.45 1.55
CA UNK F 5 -23.80 27.04 0.73
C UNK F 5 -23.32 28.22 -0.10
N UNK F 6 -22.01 28.45 -0.17
CA UNK F 6 -21.47 29.53 -1.00
C UNK F 6 -22.24 29.53 -2.33
#